data_9GVV
#
_entry.id   9GVV
#
loop_
_entity.id
_entity.type
_entity.pdbx_description
1 polymer 'DNA (27-MER)'
2 non-polymer ~{N}2,~{N}6-bis(1-methylquinolin-1-ium-3-yl)pyridine-2,6-dicarboxamide
#
_entity_poly.entity_id   1
_entity_poly.type   'polydeoxyribonucleotide'
_entity_poly.pdbx_seq_one_letter_code
;(DG)(DC)(DG)(DG)(DG)(DA)(DG)(DG)(DG)(DC)(DG)(DC)(DG)(DC)(DC)(DA)(DG)(DC)(DG)(DG)
(DG)(DG)(DT)(DC)(DG)(DG)(DG)
;
_entity_poly.pdbx_strand_id   A
#
loop_
_chem_comp.id
_chem_comp.type
_chem_comp.name
_chem_comp.formula
DA DNA linking 2'-DEOXYADENOSINE-5'-MONOPHOSPHATE 'C10 H14 N5 O6 P'
DC DNA linking 2'-DEOXYCYTIDINE-5'-MONOPHOSPHATE 'C9 H14 N3 O7 P'
DG DNA linking 2'-DEOXYGUANOSINE-5'-MONOPHOSPHATE 'C10 H14 N5 O7 P'
DT DNA linking THYMIDINE-5'-MONOPHOSPHATE 'C10 H15 N2 O8 P'
LWQ non-polymer ~{N}2,~{N}6-bis(1-methylquinolin-1-ium-3-yl)pyridine-2,6-dicarboxamide 'C27 H23 N5 O2 2'
#
# COMPACT_ATOMS: atom_id res chain seq x y z
N1 LWQ B . 1.44 -2.19 -0.74
N3 LWQ B . 2.34 0.40 -0.59
C4 LWQ B . 1.78 -4.55 -1.14
C5 LWQ B . 3.14 -4.30 -1.40
C6 LWQ B . 3.26 -0.53 -0.95
C7 LWQ B . -0.51 -3.71 -0.46
C8 LWQ B . 2.46 1.80 -0.48
C10 LWQ B . 3.66 2.51 -0.58
C13 LWQ B . 1.27 2.50 -0.28
C15 LWQ B . 1.36 6.71 0.21
C17 LWQ B . 0.10 4.64 0.07
C20 LWQ B . -5.10 -2.24 1.53
C21 LWQ B . -3.21 -3.63 1.00
C22 LWQ B . -5.01 0.17 1.04
C24 LWQ B . -6.97 -0.78 2.09
C26 LWQ B . 5.00 4.55 -0.57
C1 LWQ B . 3.63 -3.01 -1.32
C2 LWQ B . 2.75 -1.96 -1.00
C3 LWQ B . 0.95 -3.47 -0.81
O1 LWQ B . 4.42 -0.27 -1.25
N2 LWQ B . -1.18 -2.63 0.00
O2 LWQ B . -1.00 -4.83 -0.59
C9 LWQ B . -2.50 -2.55 0.47
N4 LWQ B . 3.68 3.86 -0.44
C11 LWQ B . 2.54 4.61 -0.20
C12 LWQ B . 1.29 3.91 -0.14
C14 LWQ B . 2.55 6.03 -0.01
C16 LWQ B . 0.14 6.03 0.24
C18 LWQ B . -3.10 -1.29 0.46
C19 LWQ B . -4.40 -1.11 1.00
N5 LWQ B . -4.46 -3.47 1.51
C23 LWQ B . -6.28 0.32 1.58
C25 LWQ B . -6.41 -2.04 2.07
C27 LWQ B . -5.13 -4.67 2.08
H5 LWQ B . 1.42 0.04 -0.37
H2 LWQ B . 1.41 -5.57 -1.18
H3 LWQ B . 3.80 -5.13 -1.64
H6 LWQ B . 4.61 2.04 -0.75
H7 LWQ B . 0.33 1.99 -0.21
H9 LWQ B . 1.37 7.78 0.36
H11 LWQ B . -0.85 4.13 0.12
H13 LWQ B . -2.80 -4.63 1.07
H14 LWQ B . -4.48 1.03 0.64
H16 LWQ B . -7.95 -0.63 2.51
H19 LWQ B . 5.20 5.04 0.39
H18 LWQ B . 4.92 5.27 -1.38
H20 LWQ B . 5.78 3.82 -0.79
H1 LWQ B . 4.69 -2.83 -1.49
H4 LWQ B . -0.67 -1.76 0.02
H8 LWQ B . 3.47 6.58 -0.04
H10 LWQ B . -0.77 6.57 0.42
H12 LWQ B . -2.57 -0.44 0.07
H15 LWQ B . -6.74 1.30 1.61
H17 LWQ B . -6.96 -2.87 2.49
H23 LWQ B . -6.05 -4.83 1.53
H22 LWQ B . -5.32 -4.46 3.13
H21 LWQ B . -4.49 -5.55 1.99
N1 LWQ B . 1.67 -2.27 -0.65
N3 LWQ B . 2.43 0.38 -0.49
C4 LWQ B . 2.13 -4.60 -1.01
C5 LWQ B . 3.48 -4.29 -1.23
C6 LWQ B . 3.40 -0.51 -0.83
C7 LWQ B . -0.21 -3.86 -0.42
C8 LWQ B . 2.47 1.78 -0.41
C10 LWQ B . 3.64 2.55 -0.47
C13 LWQ B . 1.25 2.43 -0.25
C15 LWQ B . 1.12 6.64 0.20
C17 LWQ B . -0.04 4.51 0.04
C20 LWQ B . -5.05 -2.60 1.01
C21 LWQ B . -3.02 -3.89 0.83
C22 LWQ B . -5.03 -0.21 0.41
C24 LWQ B . -7.08 -1.25 1.14
C26 LWQ B . 4.88 4.63 -0.42
C1 LWQ B . 3.91 -2.98 -1.14
C2 LWQ B . 2.98 -1.97 -0.86
C3 LWQ B . 1.25 -3.57 -0.71
O1 LWQ B . 4.55 -0.19 -1.11
N2 LWQ B . -0.94 -2.81 0.03
O2 LWQ B . -0.67 -4.99 -0.60
C9 LWQ B . -2.31 -2.78 0.35
N4 LWQ B . 3.59 3.90 -0.35
C11 LWQ B . 2.41 4.59 -0.14
C12 LWQ B . 1.20 3.83 -0.12
C14 LWQ B . 2.35 6.01 0.04
C16 LWQ B . -0.07 5.90 0.20
C18 LWQ B . -2.97 -1.56 0.22
C19 LWQ B . -4.34 -1.45 0.54
N5 LWQ B . -4.33 -3.78 1.15
C23 LWQ B . -6.38 -0.14 0.71
C25 LWQ B . -6.43 -2.48 1.30
C27 LWQ B . -5.00 -4.99 1.69
H5 LWQ B . 1.53 -0.03 -0.29
H2 LWQ B . 1.81 -5.63 -1.06
H3 LWQ B . 4.19 -5.08 -1.45
H6 LWQ B . 4.62 2.12 -0.58
H7 LWQ B . 0.32 1.86 -0.21
H9 LWQ B . 1.08 7.71 0.34
H11 LWQ B . -0.97 3.95 0.05
H13 LWQ B . -2.56 -4.85 1.00
H14 LWQ B . -4.50 0.66 0.07
H16 LWQ B . -8.14 -1.17 1.37
H19 LWQ B . 5.04 5.13 0.54
H18 LWQ B . 4.81 5.35 -1.24
H20 LWQ B . 5.71 3.95 -0.62
H1 LWQ B . 4.96 -2.75 -1.29
H4 LWQ B . -0.46 -1.93 0.11
H8 LWQ B . 3.25 6.60 0.04
H10 LWQ B . -1.01 6.40 0.33
H12 LWQ B . -2.43 -0.68 -0.13
H15 LWQ B . -6.89 0.81 0.61
H17 LWQ B . -7.01 -3.33 1.65
H23 LWQ B . -5.81 -5.26 1.00
H22 LWQ B . -5.40 -4.74 2.68
H21 LWQ B . -4.31 -5.82 1.78
N1 LWQ B . 1.66 -2.05 -0.79
N3 LWQ B . 2.50 0.58 -0.56
C4 LWQ B . 2.07 -4.38 -1.20
C5 LWQ B . 3.43 -4.11 -1.38
C6 LWQ B . 3.44 -0.34 -0.90
C7 LWQ B . -0.26 -3.59 -0.62
C8 LWQ B . 2.59 1.98 -0.48
C10 LWQ B . 3.78 2.70 -0.55
C13 LWQ B . 1.38 2.67 -0.34
C15 LWQ B . 1.40 6.88 0.05
C17 LWQ B . 0.17 4.81 -0.08
C20 LWQ B . -4.97 -2.25 1.18
C21 LWQ B . -3.02 -3.59 0.73
C22 LWQ B . -4.91 0.16 0.70
C24 LWQ B . -6.91 -0.83 1.65
C26 LWQ B . 5.09 4.76 -0.55
C1 LWQ B . 3.89 -2.80 -1.25
C2 LWQ B . 2.98 -1.78 -0.97
C3 LWQ B . 1.20 -3.34 -0.89
O1 LWQ B . 4.61 -0.05 -1.17
N2 LWQ B . -0.98 -2.54 -0.16
O2 LWQ B . -0.74 -4.71 -0.79
C9 LWQ B . -2.32 -2.49 0.24
N4 LWQ B . 3.78 4.06 -0.45
C11 LWQ B . 2.62 4.80 -0.27
C12 LWQ B . 1.38 4.07 -0.24
C14 LWQ B . 2.60 6.21 -0.11
C16 LWQ B . 0.19 6.19 0.05
C18 LWQ B . -2.94 -1.24 0.21
C19 LWQ B . -4.27 -1.10 0.69
N5 LWQ B . -4.30 -3.47 1.19
C23 LWQ B . -6.22 0.28 1.18
C25 LWQ B . -6.31 -2.08 1.66
C27 LWQ B . -4.96 -4.68 1.72
H5 LWQ B . 1.59 0.20 -0.37
H2 LWQ B . 1.72 -5.40 -1.29
H3 LWQ B . 4.12 -4.92 -1.60
H6 LWQ B . 4.76 2.25 -0.67
H7 LWQ B . 0.45 2.13 -0.29
H9 LWQ B . 1.40 7.96 0.16
H11 LWQ B . -0.77 4.28 -0.05
H13 LWQ B . -2.59 -4.58 0.81
H14 LWQ B . -4.39 1.03 0.34
H16 LWQ B . -7.92 -0.72 2.02
H19 LWQ B . 5.27 5.25 0.41
H18 LWQ B . 5.03 5.47 -1.37
H20 LWQ B . 5.89 4.04 -0.76
H1 LWQ B . 4.95 -2.61 -1.36
H4 LWQ B . -0.48 -1.66 -0.11
H8 LWQ B . 3.52 6.78 -0.12
H10 LWQ B . -0.73 6.73 0.18
H12 LWQ B . -2.41 -0.38 -0.15
H15 LWQ B . -6.70 1.25 1.19
H17 LWQ B . -6.86 -2.93 2.04
H23 LWQ B . -5.85 -4.86 1.13
H22 LWQ B . -5.21 -4.47 2.77
H21 LWQ B . -4.30 -5.53 1.67
N1 LWQ B . 1.72 -2.27 -0.73
N3 LWQ B . 2.47 0.38 -0.59
C4 LWQ B . 2.20 -4.60 -1.06
C5 LWQ B . 3.54 -4.30 -1.27
C6 LWQ B . 3.45 -0.50 -0.91
C7 LWQ B . -0.16 -3.86 -0.50
C8 LWQ B . 2.51 1.79 -0.51
C10 LWQ B . 3.67 2.56 -0.59
C13 LWQ B . 1.28 2.42 -0.35
C15 LWQ B . 1.12 6.63 0.07
C17 LWQ B . -0.02 4.50 -0.07
C20 LWQ B . -5.00 -2.55 0.90
C21 LWQ B . -2.98 -3.86 0.72
C22 LWQ B . -4.96 -0.17 0.29
C24 LWQ B . -7.02 -1.18 1.04
C26 LWQ B . 4.89 4.66 -0.58
C1 LWQ B . 3.96 -2.97 -1.19
C2 LWQ B . 3.03 -1.96 -0.94
C3 LWQ B . 1.30 -3.56 -0.78
O1 LWQ B . 4.61 -0.19 -1.18
N2 LWQ B . -0.90 -2.80 -0.08
O2 LWQ B . -0.61 -5.00 -0.65
C9 LWQ B . -2.27 -2.76 0.24
N4 LWQ B . 3.62 3.91 -0.48
C11 LWQ B . 2.43 4.59 -0.27
C12 LWQ B . 1.22 3.83 -0.24
C14 LWQ B . 2.36 6.01 -0.10
C16 LWQ B . -0.05 5.88 0.08
C18 LWQ B . -2.90 -1.54 0.09
C19 LWQ B . -4.28 -1.41 0.42
N5 LWQ B . -4.30 -3.74 1.04
C23 LWQ B . -6.31 -0.07 0.59
C25 LWQ B . -6.38 -2.42 1.20
C27 LWQ B . -4.97 -4.94 1.60
H5 LWQ B . 1.57 -0.03 -0.39
H2 LWQ B . 1.87 -5.64 -1.10
H3 LWQ B . 4.25 -5.09 -1.47
H6 LWQ B . 4.66 2.14 -0.72
H7 LWQ B . 0.36 1.84 -0.30
H9 LWQ B . 1.08 7.70 0.19
H11 LWQ B . -0.94 3.94 -0.04
H13 LWQ B . -2.53 -4.83 0.90
H14 LWQ B . -4.42 0.70 -0.05
H16 LWQ B . -8.07 -1.09 1.28
H19 LWQ B . 5.05 5.17 0.37
H18 LWQ B . 4.80 5.36 -1.40
H20 LWQ B . 5.73 3.98 -0.77
H1 LWQ B . 5.01 -2.75 -1.33
H4 LWQ B . -0.42 -1.92 -0.02
H8 LWQ B . 3.25 6.61 -0.12
H10 LWQ B . -1.00 6.40 0.21
H12 LWQ B . -2.37 -0.67 -0.26
H15 LWQ B . -6.82 0.87 0.49
H17 LWQ B . -6.96 -3.26 1.56
H23 LWQ B . -5.79 -5.21 0.91
H22 LWQ B . -5.35 -4.68 2.58
H21 LWQ B . -4.28 -5.78 1.68
N1 LWQ B . 1.60 -2.24 -0.84
N3 LWQ B . 2.41 0.38 -0.64
C4 LWQ B . 2.03 -4.59 -1.25
C5 LWQ B . 3.38 -4.29 -1.46
C6 LWQ B . 3.36 -0.52 -0.99
C7 LWQ B . -0.30 -3.82 -0.62
C8 LWQ B . 2.48 1.78 -0.54
C10 LWQ B . 3.66 2.52 -0.57
C13 LWQ B . 1.26 2.45 -0.41
C15 LWQ B . 1.21 6.66 0.04
C17 LWQ B . 0.01 4.57 -0.16
C20 LWQ B . -5.02 -2.50 1.20
C21 LWQ B . -3.05 -3.83 0.76
C22 LWQ B . -5.01 -0.11 0.65
C24 LWQ B . -6.96 -1.11 1.64
C26 LWQ B . 4.94 4.59 -0.50
C1 LWQ B . 3.84 -2.98 -1.36
C2 LWQ B . 2.91 -1.97 -1.06
C3 LWQ B . 1.16 -3.54 -0.92
O1 LWQ B . 4.53 -0.22 -1.26
N2 LWQ B . -1.03 -2.76 -0.19
O2 LWQ B . -0.76 -4.96 -0.77
C9 LWQ B . -2.37 -2.72 0.23
N4 LWQ B . 3.65 3.88 -0.45
C11 LWQ B . 2.46 4.60 -0.29
C12 LWQ B . 1.23 3.87 -0.29
C14 LWQ B . 2.43 6.01 -0.10
C16 LWQ B . 0.01 5.95 0.00
C18 LWQ B . -3.01 -1.49 0.17
C19 LWQ B . -4.34 -1.36 0.66
N5 LWQ B . -4.32 -3.70 1.23
C23 LWQ B . -6.30 0.01 1.13
C25 LWQ B . -6.34 -2.36 1.68
C27 LWQ B . -4.96 -4.92 1.80
H5 LWQ B . 1.49 -0.01 -0.44
H2 LWQ B . 1.69 -5.61 -1.31
H3 LWQ B . 4.08 -5.09 -1.70
H6 LWQ B . 4.65 2.08 -0.67
H7 LWQ B . 0.33 1.91 -0.40
H9 LWQ B . 1.18 7.74 0.17
H11 LWQ B . -0.92 4.03 -0.17
H13 LWQ B . -2.59 -4.80 0.86
H14 LWQ B . -4.49 0.76 0.26
H16 LWQ B . -7.97 -1.00 2.01
H19 LWQ B . 5.09 5.08 0.46
H18 LWQ B . 4.89 5.32 -1.32
H20 LWQ B . 5.77 3.90 -0.69
H1 LWQ B . 4.88 -2.77 -1.50
H4 LWQ B . -0.55 -1.88 -0.16
H8 LWQ B . 3.34 6.59 -0.08
H10 LWQ B . -0.92 6.48 0.11
H12 LWQ B . -2.50 -0.63 -0.22
H15 LWQ B . -6.80 0.96 1.11
H17 LWQ B . -6.88 -3.20 2.09
H23 LWQ B . -5.85 -5.13 1.23
H22 LWQ B . -5.20 -4.70 2.84
H21 LWQ B . -4.27 -5.77 1.76
N1 LWQ B . 2.22 -2.31 -0.98
N3 LWQ B . 2.98 0.31 -0.75
C4 LWQ B . 2.65 -4.63 -1.42
C5 LWQ B . 4.00 -4.34 -1.64
C6 LWQ B . 3.97 -0.56 -1.10
C7 LWQ B . 0.31 -3.87 -0.77
C8 LWQ B . 3.03 1.70 -0.55
C10 LWQ B . 4.19 2.49 -0.64
C13 LWQ B . 1.82 2.31 -0.25
C15 LWQ B . 1.67 6.47 0.54
C17 LWQ B . 0.53 4.34 0.31
C20 LWQ B . -4.39 -2.39 1.02
C21 LWQ B . -2.53 -3.82 0.43
C22 LWQ B . -4.15 0.04 0.82
C24 LWQ B . -6.21 -0.92 1.65
C26 LWQ B . 5.40 4.58 -0.50
C1 LWQ B . 4.45 -3.02 -1.53
C2 LWQ B . 3.53 -2.01 -1.21
C3 LWQ B . 1.77 -3.60 -1.08
O1 LWQ B . 5.12 -0.24 -1.35
N2 LWQ B . -0.41 -2.80 -0.36
O2 LWQ B . -0.14 -5.00 -0.89
C9 LWQ B . -1.75 -2.72 0.07
N4 LWQ B . 4.13 3.82 -0.40
C11 LWQ B . 2.95 4.48 -0.06
C12 LWQ B . 1.76 3.70 -0.01
C14 LWQ B . 2.89 5.87 0.23
C16 LWQ B . 0.50 5.71 0.58
C18 LWQ B . -2.28 -1.43 0.18
C19 LWQ B . -3.60 -1.26 0.66
N5 LWQ B . -3.79 -3.65 0.89
C23 LWQ B . -5.45 0.19 1.32
C25 LWQ B . -5.70 -2.20 1.51
C27 LWQ B . -4.55 -4.87 1.28
H5 LWQ B . 2.08 -0.11 -0.59
H2 LWQ B . 2.31 -5.66 -1.49
H3 LWQ B . 4.70 -5.12 -1.90
H6 LWQ B . 5.16 2.10 -0.88
H7 LWQ B . 0.91 1.73 -0.18
H9 LWQ B . 1.62 7.52 0.75
H11 LWQ B . -0.38 3.77 0.35
H13 LWQ B . -2.17 -4.84 0.40
H14 LWQ B . -3.57 0.90 0.56
H16 LWQ B . -7.22 -0.77 2.04
H19 LWQ B . 5.61 5.01 0.47
H18 LWQ B . 5.25 5.36 -1.26
H20 LWQ B . 6.22 3.93 -0.81
H1 LWQ B . 5.49 -2.79 -1.69
H4 LWQ B . 0.09 -1.92 -0.35
H8 LWQ B . 3.77 6.49 0.20
H10 LWQ B . -0.44 6.19 0.82
H12 LWQ B . -1.69 -0.56 -0.07
H15 LWQ B . -5.86 1.19 1.43
H17 LWQ B . -6.33 -3.04 1.80
H23 LWQ B . -5.44 -4.92 0.66
H22 LWQ B . -4.80 -4.79 2.33
H21 LWQ B . -3.95 -5.77 1.12
N1 LWQ B . 2.91 -2.50 -1.07
N3 LWQ B . 3.59 0.15 -1.01
C4 LWQ B . 3.44 -4.83 -1.39
C5 LWQ B . 4.75 -4.49 -1.74
C6 LWQ B . 4.56 -0.69 -1.44
C7 LWQ B . 1.12 -4.13 -0.62
C8 LWQ B . 3.59 1.54 -0.83
C10 LWQ B . 4.71 2.37 -0.97
C13 LWQ B . 2.38 2.11 -0.46
C15 LWQ B . 2.12 6.26 0.32
C17 LWQ B . 1.05 4.10 0.13
C20 LWQ B . -3.58 -2.81 1.27
C21 LWQ B . -1.63 -4.15 0.79
C22 LWQ B . -3.53 -0.40 0.79
C24 LWQ B . -5.51 -1.40 1.76
C26 LWQ B . 5.86 4.51 -0.91
C1 LWQ B . 5.13 -3.15 -1.76
C2 LWQ B . 4.19 -2.16 -1.42
C3 LWQ B . 2.53 -3.81 -1.05
O1 LWQ B . 5.68 -0.33 -1.81
N2 LWQ B . 0.37 -3.08 -0.21
O2 LWQ B . 0.71 -5.30 -0.64
C9 LWQ B . -0.94 -3.04 0.28
N4 LWQ B . 4.63 3.70 -0.73
C11 LWQ B . 3.45 4.32 -0.34
C12 LWQ B . 2.28 3.50 -0.22
C14 LWQ B . 3.34 5.71 -0.04
C16 LWQ B . 0.98 5.47 0.38
C18 LWQ B . -1.56 -1.80 0.28
C19 LWQ B . -2.88 -1.65 0.77
N5 LWQ B . -2.90 -4.02 1.26
C23 LWQ B . -4.83 -0.28 1.28
C25 LWQ B . -4.91 -2.66 1.76
C27 LWQ B . -3.56 -5.24 1.79
H5 LWQ B . 2.72 -0.30 -0.75
H2 LWQ B . 3.15 -5.86 -1.36
H3 LWQ B . 5.46 -5.26 -1.99
H6 LWQ B . 5.68 2.00 -1.25
H7 LWQ B . 1.49 1.50 -0.34
H9 LWQ B . 2.04 7.32 0.53
H11 LWQ B . 0.16 3.50 0.21
H13 LWQ B . -1.19 -5.13 0.86
H14 LWQ B . -3.02 0.48 0.42
H16 LWQ B . -6.52 -1.29 2.14
H19 LWQ B . 6.09 4.96 0.05
H18 LWQ B . 5.66 5.26 -1.67
H20 LWQ B . 6.69 3.88 -1.23
H1 LWQ B . 6.15 -2.89 -2.01
H4 LWQ B . 0.84 -2.18 -0.27
H8 LWQ B . 4.21 6.35 -0.11
H10 LWQ B . 0.03 5.92 0.66
H12 LWQ B . -1.04 -0.91 -0.09
H15 LWQ B . -5.32 0.68 1.30
H17 LWQ B . -5.45 -3.50 2.15
H23 LWQ B . -4.45 -5.42 1.20
H22 LWQ B . -3.80 -5.06 2.84
H21 LWQ B . -2.88 -6.10 1.73
N1 LWQ B . 1.58 -2.16 -0.81
N3 LWQ B . 2.44 0.45 -0.57
C4 LWQ B . 1.96 -4.50 -1.23
C5 LWQ B . 3.33 -4.24 -1.42
C6 LWQ B . 3.38 -0.47 -0.92
C7 LWQ B . -0.36 -3.69 -0.63
C8 LWQ B . 2.53 1.84 -0.49
C10 LWQ B . 3.73 2.58 -0.55
C13 LWQ B . 1.33 2.53 -0.32
C15 LWQ B . 1.34 6.74 0.12
C17 LWQ B . 0.11 4.66 -0.03
C20 LWQ B . -5.05 -2.27 1.17
C21 LWQ B . -3.13 -3.64 0.72
C22 LWQ B . -4.97 0.13 0.68
C24 LWQ B . -6.96 -0.84 1.65
C26 LWQ B . 5.03 4.63 -0.52
C1 LWQ B . 3.80 -2.94 -1.30
C2 LWQ B . 2.91 -1.91 -1.00
C3 LWQ B . 1.11 -3.44 -0.91
O1 LWQ B . 4.55 -0.19 -1.18
N2 LWQ B . -1.07 -2.63 -0.19
O2 LWQ B . -0.85 -4.81 -0.80
C9 LWQ B . -2.41 -2.55 0.22
N4 LWQ B . 3.72 3.92 -0.43
C11 LWQ B . 2.56 4.66 -0.23
C12 LWQ B . 1.32 3.94 -0.20
C14 LWQ B . 2.54 6.07 -0.05
C16 LWQ B . 0.13 6.05 0.12
C18 LWQ B . -3.02 -1.30 0.19
C19 LWQ B . -4.34 -1.15 0.67
N5 LWQ B . -4.39 -3.50 1.18
C23 LWQ B . -6.26 0.27 1.17
C25 LWQ B . -6.38 -2.10 1.67
C27 LWQ B . -5.07 -4.70 1.73
H5 LWQ B . 1.52 0.07 -0.38
H2 LWQ B . 1.61 -5.52 -1.32
H3 LWQ B . 4.00 -5.05 -1.66
H6 LWQ B . 4.69 2.12 -0.68
H7 LWQ B . 0.39 2.00 -0.28
H9 LWQ B . 1.33 7.82 0.25
H11 LWQ B . -0.83 4.13 -0.02
H13 LWQ B . -2.69 -4.64 0.81
H14 LWQ B . -4.43 0.99 0.31
H16 LWQ B . -7.97 -0.71 2.03
H19 LWQ B . 5.20 5.13 0.44
H18 LWQ B . 4.96 5.34 -1.34
H20 LWQ B . 5.84 3.91 -0.72
H1 LWQ B . 4.86 -2.75 -1.41
H4 LWQ B . -0.57 -1.75 -0.15
H8 LWQ B . 3.46 6.64 -0.06
H10 LWQ B . -0.79 6.59 0.26
H12 LWQ B . -2.48 -0.45 -0.18
H15 LWQ B . -6.72 1.24 1.18
H17 LWQ B . -6.94 -2.93 2.05
H23 LWQ B . -5.96 -4.89 1.14
H22 LWQ B . -5.31 -4.49 2.77
H21 LWQ B . -4.42 -5.58 1.68
N1 LWQ B . 2.85 -1.80 -1.07
N3 LWQ B . 3.33 0.90 -1.02
C4 LWQ B . 3.59 -4.09 -1.27
C5 LWQ B . 4.88 -3.66 -1.55
C6 LWQ B . 4.38 0.12 -1.40
C7 LWQ B . 1.17 -3.57 -0.66
C8 LWQ B . 3.27 2.29 -0.87
C10 LWQ B . 4.37 3.16 -0.92
C13 LWQ B . 2.00 2.83 -0.63
C15 LWQ B . 1.55 6.99 0.03
C17 LWQ B . 0.57 4.79 -0.20
C20 LWQ B . -3.67 -2.60 1.08
C21 LWQ B . -1.63 -3.79 0.61
C22 LWQ B . -3.81 -0.19 0.58
C24 LWQ B . -5.68 -1.33 1.60
C26 LWQ B . 5.44 5.34 -0.77
C1 LWQ B . 5.15 -2.29 -1.60
C2 LWQ B . 4.11 -1.38 -1.36
C3 LWQ B . 2.58 -3.14 -1.01
O1 LWQ B . 5.48 0.54 -1.76
N2 LWQ B . 0.32 -2.57 -0.34
O2 LWQ B . 0.87 -4.77 -0.67
C9 LWQ B . -1.02 -2.64 0.10
N4 LWQ B . 4.22 4.50 -0.72
C11 LWQ B . 2.98 5.08 -0.46
C12 LWQ B . 1.84 4.22 -0.43
C14 LWQ B . 2.82 6.47 -0.20
C16 LWQ B . 0.44 6.16 0.02
C18 LWQ B . -1.74 -1.45 0.07
C19 LWQ B . -3.07 -1.41 0.56
N5 LWQ B . -2.91 -3.76 1.07
C23 LWQ B . -5.10 -0.17 1.11
C25 LWQ B . -5.00 -2.54 1.59
C27 LWQ B . -3.48 -5.02 1.60
H5 LWQ B . 2.49 0.41 -0.79
H2 LWQ B . 3.37 -5.16 -1.21
H3 LWQ B . 5.67 -4.38 -1.73
H6 LWQ B . 5.38 2.82 -1.10
H7 LWQ B . 1.13 2.19 -0.59
H9 LWQ B . 1.44 8.05 0.21
H11 LWQ B . -0.31 4.16 -0.18
H13 LWQ B . -1.13 -4.74 0.69
H14 LWQ B . -3.36 0.71 0.20
H16 LWQ B . -6.69 -1.28 2.01
H19 LWQ B . 5.57 5.80 0.20
H18 LWQ B . 5.29 6.09 -1.56
H20 LWQ B . 6.32 4.73 -1.02
H1 LWQ B . 6.16 -1.95 -1.80
H4 LWQ B . 0.69 -1.64 -0.42
H8 LWQ B . 3.67 7.14 -0.20
H10 LWQ B . -0.54 6.59 0.21
H12 LWQ B . -1.29 -0.54 -0.31
H15 LWQ B . -5.64 0.76 1.13
H17 LWQ B . -5.48 -3.42 2.00
H23 LWQ B . -4.36 -5.25 1.01
H22 LWQ B . -3.73 -4.87 2.64
H21 LWQ B . -2.76 -5.84 1.51
N1 LWQ B . 1.67 -1.85 -0.80
N3 LWQ B . 2.48 0.75 -0.51
C4 LWQ B . 2.08 -4.18 -1.28
C5 LWQ B . 3.43 -3.90 -1.46
C6 LWQ B . 3.44 -0.14 -0.88
C7 LWQ B . -0.26 -3.40 -0.68
C8 LWQ B . 2.55 2.15 -0.37
C10 LWQ B . 3.73 2.91 -0.42
C13 LWQ B . 1.34 2.81 -0.19
C15 LWQ B . 1.27 7.01 0.40
C17 LWQ B . 0.08 4.91 0.17
C20 LWQ B . -5.11 -2.03 0.58
C21 LWQ B . -3.12 -3.39 0.47
C22 LWQ B . -4.96 0.37 0.11
C24 LWQ B . -7.10 -0.63 0.64
C26 LWQ B . 5.00 4.98 -0.33
C1 LWQ B . 3.90 -2.59 -1.30
C2 LWQ B . 2.98 -1.57 -0.99
C3 LWQ B . 1.21 -3.13 -0.93
O1 LWQ B . 4.60 0.17 -1.14
N2 LWQ B . -0.97 -2.36 -0.17
O2 LWQ B . -0.75 -4.50 -0.93
C9 LWQ B . -2.34 -2.29 0.09
N4 LWQ B . 3.70 4.25 -0.26
C11 LWQ B . 2.52 4.96 -0.03
C12 LWQ B . 1.30 4.22 -0.02
C14 LWQ B . 2.49 6.36 0.20
C16 LWQ B . 0.08 6.29 0.37
C18 LWQ B . -2.93 -1.04 -0.02
C19 LWQ B . -4.32 -0.88 0.22
N5 LWQ B . -4.44 -3.25 0.71
C23 LWQ B . -6.33 0.49 0.33
C25 LWQ B . -6.51 -1.88 0.77
C27 LWQ B . -5.19 -4.46 1.15
H5 LWQ B . 1.57 0.36 -0.33
H2 LWQ B . 1.73 -5.19 -1.39
H3 LWQ B . 4.12 -4.69 -1.71
H6 LWQ B . 4.71 2.47 -0.57
H7 LWQ B . 0.41 2.26 -0.16
H9 LWQ B . 1.24 8.08 0.56
H11 LWQ B . -0.85 4.35 0.18
H13 LWQ B . -2.70 -4.37 0.61
H14 LWQ B . -4.38 1.25 -0.14
H16 LWQ B . -8.16 -0.51 0.80
H19 LWQ B . 5.17 5.45 0.64
H18 LWQ B . 4.91 5.72 -1.12
H20 LWQ B . 5.81 4.29 -0.56
H1 LWQ B . 4.95 -2.38 -1.42
H4 LWQ B . -0.46 -1.50 -0.04
H8 LWQ B . 3.39 6.95 0.21
H10 LWQ B . -0.86 6.80 0.53
H12 LWQ B . -2.36 -0.17 -0.29
H15 LWQ B . -6.81 1.46 0.24
H17 LWQ B . -7.12 -2.73 1.03
H23 LWQ B . -5.94 -4.68 0.38
H22 LWQ B . -5.65 -4.24 2.11
H21 LWQ B . -4.52 -5.31 1.25
#